data_2ECE
#
_entry.id   2ECE
#
_cell.length_a   142.196
_cell.length_b   142.196
_cell.length_c   142.196
_cell.angle_alpha   90.00
_cell.angle_beta   90.00
_cell.angle_gamma   90.00
#
_symmetry.space_group_name_H-M   'I 21 3'
#
loop_
_entity.id
_entity.type
_entity.pdbx_description
1 polymer '462aa long hypothetical selenium-binding protein'
2 water water
#
_entity_poly.entity_id   1
_entity_poly.type   'polypeptide(L)'
_entity_poly.pdbx_seq_one_letter_code
;MAIVPFKRDPTFYPSPKMAMKAPPEDLAYVACLYTGTGINRADFIAVVDVNPKSETYSKIVHKVELPYINDELHHFGWNA
CSSALCPNGKPNIERRFLIVPGLRSSRIYIIDTKPNPREPKIIKVIEPEEVKKVSGYSRLHTVHCGPDAIYISALGNEEG
EGPGGILMLDHYSFEPLGKWEIDRGDQYLAYDFWWNLPNEVLVSSEWAVPNTIEDGLKLEHLKDRYGNRIHFWDLRKRKR
IHSLTLGEENRMALELRPLHDPTKLMGFINMVVSLKDLSSSIWLWFYEDGKWNAEKVIEIPAEPLEGNLPEILKPFKAVP
PLVTDIDISLDDKFLYLSLWGIGEVRQYDISNPFKPVLTGKVKLGGIFHRADHPAGHKLTGAPQMLEISRDGRRVYVTNS
LYSTWDNQFYPEGLKGWMVKLNANPSGGLEIDKEFFVDFGEARSHQVRLSGGDASSDSYCYP
;
_entity_poly.pdbx_strand_id   A
#
# COMPACT_ATOMS: atom_id res chain seq x y z
N ARG A 8 20.21 15.35 -14.13
CA ARG A 8 18.97 14.93 -13.50
C ARG A 8 18.71 13.42 -13.58
N ASP A 9 18.08 12.90 -12.53
CA ASP A 9 17.76 11.49 -12.47
C ASP A 9 16.78 11.17 -13.61
N PRO A 10 17.13 10.19 -14.46
CA PRO A 10 16.25 9.83 -15.58
C PRO A 10 14.92 9.20 -15.17
N THR A 11 14.77 8.79 -13.91
CA THR A 11 13.51 8.20 -13.48
C THR A 11 12.58 9.24 -12.83
N PHE A 12 13.01 10.49 -12.79
CA PHE A 12 12.16 11.55 -12.27
C PHE A 12 11.32 12.04 -13.44
N TYR A 13 10.00 12.04 -13.27
CA TYR A 13 9.11 12.46 -14.33
C TYR A 13 8.35 13.71 -13.87
N PRO A 14 8.31 14.76 -14.71
CA PRO A 14 7.60 15.98 -14.32
C PRO A 14 6.10 15.73 -14.11
N SER A 15 5.53 14.93 -14.99
CA SER A 15 4.09 14.66 -14.97
C SER A 15 3.72 13.21 -15.23
N PRO A 16 2.44 12.88 -15.00
CA PRO A 16 1.92 11.53 -15.20
C PRO A 16 2.15 11.08 -16.65
N LYS A 17 1.85 11.98 -17.59
CA LYS A 17 2.03 11.70 -19.02
C LYS A 17 3.47 11.31 -19.30
N MET A 18 4.43 12.06 -18.75
CA MET A 18 5.83 11.74 -19.00
C MET A 18 6.23 10.43 -18.34
N ALA A 19 5.65 10.15 -17.17
CA ALA A 19 5.95 8.90 -16.48
C ALA A 19 5.48 7.70 -17.30
N MET A 20 4.31 7.84 -17.92
CA MET A 20 3.73 6.77 -18.73
C MET A 20 4.56 6.40 -19.96
N LYS A 21 5.19 7.38 -20.57
CA LYS A 21 5.99 7.18 -21.76
C LYS A 21 7.43 6.74 -21.51
N ALA A 22 7.84 6.65 -20.25
CA ALA A 22 9.20 6.22 -19.93
C ALA A 22 9.36 4.71 -20.13
N PRO A 23 10.62 4.23 -20.23
CA PRO A 23 10.90 2.80 -20.42
C PRO A 23 10.26 1.92 -19.35
N PRO A 24 9.84 0.70 -19.72
CA PRO A 24 9.20 -0.24 -18.78
C PRO A 24 10.15 -0.65 -17.66
N GLU A 25 9.59 -1.26 -16.61
CA GLU A 25 10.38 -1.72 -15.47
C GLU A 25 11.14 -3.02 -15.79
N ASP A 26 12.37 -3.13 -15.28
CA ASP A 26 13.19 -4.33 -15.47
C ASP A 26 13.11 -5.24 -14.24
N LEU A 27 12.87 -4.63 -13.08
CA LEU A 27 12.83 -5.37 -11.82
C LEU A 27 11.68 -4.99 -10.93
N ALA A 28 11.38 -5.87 -9.98
CA ALA A 28 10.32 -5.66 -9.01
C ALA A 28 10.88 -6.01 -7.64
N TYR A 29 10.91 -5.03 -6.75
CA TYR A 29 11.41 -5.25 -5.40
C TYR A 29 10.16 -5.63 -4.60
N VAL A 30 10.25 -6.71 -3.82
CA VAL A 30 9.10 -7.16 -3.05
C VAL A 30 9.39 -7.34 -1.58
N ALA A 31 8.57 -6.72 -0.74
CA ALA A 31 8.74 -6.85 0.70
C ALA A 31 8.21 -8.23 1.08
N CYS A 32 9.09 -9.08 1.62
CA CYS A 32 8.71 -10.43 2.03
C CYS A 32 8.94 -10.66 3.51
N LEU A 33 8.11 -11.52 4.11
CA LEU A 33 8.23 -11.76 5.54
C LEU A 33 8.01 -13.21 5.99
N TYR A 34 8.64 -13.55 7.11
CA TYR A 34 8.50 -14.88 7.73
C TYR A 34 7.75 -14.62 9.04
N THR A 35 7.57 -13.35 9.36
CA THR A 35 6.86 -12.96 10.58
C THR A 35 5.44 -13.51 10.49
N GLY A 36 5.04 -14.32 11.48
CA GLY A 36 3.70 -14.88 11.48
C GLY A 36 3.61 -16.27 10.87
N THR A 37 4.71 -16.75 10.29
CA THR A 37 4.72 -18.06 9.66
C THR A 37 5.20 -19.14 10.62
N GLY A 38 5.81 -18.72 11.72
CA GLY A 38 6.32 -19.69 12.68
C GLY A 38 7.74 -20.06 12.34
N ILE A 39 8.25 -19.50 11.25
CA ILE A 39 9.62 -19.79 10.81
C ILE A 39 10.56 -18.72 11.37
N ASN A 40 11.58 -19.18 12.10
CA ASN A 40 12.55 -18.28 12.71
C ASN A 40 13.63 -17.80 11.76
N ARG A 41 13.23 -16.92 10.82
CA ARG A 41 14.13 -16.34 9.83
C ARG A 41 13.74 -14.88 9.63
N ALA A 42 14.72 -14.04 9.29
CA ALA A 42 14.47 -12.63 9.08
C ALA A 42 13.63 -12.36 7.83
N ASP A 43 12.94 -11.23 7.83
CA ASP A 43 12.15 -10.84 6.67
C ASP A 43 13.20 -10.41 5.65
N PHE A 44 12.79 -10.12 4.42
CA PHE A 44 13.74 -9.73 3.40
C PHE A 44 13.08 -9.03 2.21
N ILE A 45 13.91 -8.38 1.40
CA ILE A 45 13.44 -7.71 0.20
C ILE A 45 13.86 -8.63 -0.94
N ALA A 46 12.89 -9.06 -1.74
CA ALA A 46 13.22 -9.94 -2.85
C ALA A 46 13.35 -9.13 -4.12
N VAL A 47 14.32 -9.48 -4.94
CA VAL A 47 14.54 -8.80 -6.21
C VAL A 47 14.05 -9.76 -7.29
N VAL A 48 12.96 -9.39 -7.96
CA VAL A 48 12.37 -10.20 -9.02
C VAL A 48 12.62 -9.63 -10.41
N ASP A 49 13.15 -10.47 -11.30
CA ASP A 49 13.43 -10.08 -12.68
C ASP A 49 12.08 -10.10 -13.35
N VAL A 50 11.68 -8.94 -13.83
CA VAL A 50 10.38 -8.77 -14.43
C VAL A 50 10.37 -8.43 -15.93
N ASN A 51 11.53 -8.59 -16.58
CA ASN A 51 11.71 -8.33 -18.01
C ASN A 51 11.56 -9.66 -18.79
N PRO A 52 10.52 -9.77 -19.64
CA PRO A 52 10.25 -10.97 -20.44
C PRO A 52 11.40 -11.45 -21.33
N LYS A 53 12.26 -10.53 -21.72
CA LYS A 53 13.40 -10.88 -22.57
C LYS A 53 14.59 -11.41 -21.80
N SER A 54 14.57 -11.24 -20.48
CA SER A 54 15.67 -11.71 -19.65
C SER A 54 15.65 -13.22 -19.48
N GLU A 55 16.82 -13.81 -19.33
CA GLU A 55 16.92 -15.24 -19.14
C GLU A 55 16.52 -15.64 -17.72
N THR A 56 16.44 -14.65 -16.82
CA THR A 56 16.02 -14.93 -15.46
C THR A 56 14.67 -14.27 -15.19
N TYR A 57 13.86 -14.19 -16.24
CA TYR A 57 12.52 -13.61 -16.15
C TYR A 57 11.65 -14.41 -15.18
N SER A 58 10.90 -13.69 -14.35
CA SER A 58 10.00 -14.30 -13.37
C SER A 58 10.74 -15.11 -12.29
N LYS A 59 11.98 -14.73 -12.02
CA LYS A 59 12.79 -15.40 -11.01
C LYS A 59 13.26 -14.44 -9.94
N ILE A 60 13.44 -14.94 -8.73
CA ILE A 60 13.97 -14.12 -7.66
C ILE A 60 15.46 -14.21 -7.92
N VAL A 61 16.10 -13.10 -8.24
CA VAL A 61 17.52 -13.15 -8.55
C VAL A 61 18.41 -12.77 -7.37
N HIS A 62 17.80 -12.26 -6.30
CA HIS A 62 18.53 -11.87 -5.12
C HIS A 62 17.57 -11.60 -3.95
N LYS A 63 18.06 -11.81 -2.75
CA LYS A 63 17.29 -11.57 -1.55
C LYS A 63 18.13 -10.74 -0.60
N VAL A 64 17.61 -9.57 -0.22
CA VAL A 64 18.32 -8.71 0.71
C VAL A 64 17.83 -9.16 2.08
N GLU A 65 18.51 -10.15 2.63
CA GLU A 65 18.15 -10.69 3.93
C GLU A 65 18.49 -9.71 5.06
N LEU A 66 17.51 -9.45 5.92
CA LEU A 66 17.68 -8.50 7.03
C LEU A 66 18.42 -9.09 8.23
N PRO A 67 19.11 -8.24 9.00
CA PRO A 67 19.88 -8.67 10.19
C PRO A 67 19.07 -9.02 11.43
N TYR A 68 17.78 -8.72 11.45
CA TYR A 68 16.95 -9.05 12.60
C TYR A 68 15.72 -9.82 12.18
N ILE A 69 15.08 -10.45 13.16
CA ILE A 69 13.87 -11.24 12.92
C ILE A 69 12.64 -10.49 13.39
N ASN A 70 11.49 -10.83 12.81
CA ASN A 70 10.19 -10.23 13.14
C ASN A 70 10.02 -8.72 12.93
N ASP A 71 10.62 -8.16 11.88
CA ASP A 71 10.47 -6.74 11.58
C ASP A 71 9.03 -6.50 11.12
N GLU A 72 8.50 -7.49 10.40
CA GLU A 72 7.18 -7.50 9.76
C GLU A 72 7.25 -6.46 8.66
N LEU A 73 7.91 -6.81 7.56
CA LEU A 73 8.01 -5.91 6.42
C LEU A 73 6.60 -5.79 5.89
N HIS A 74 6.28 -4.62 5.35
CA HIS A 74 4.94 -4.41 4.82
C HIS A 74 4.97 -3.47 3.60
N HIS A 75 5.12 -2.18 3.91
CA HIS A 75 5.13 -1.14 2.88
C HIS A 75 6.53 -0.52 2.91
N PHE A 76 6.98 -0.02 1.76
CA PHE A 76 8.28 0.64 1.67
C PHE A 76 8.30 1.59 0.48
N GLY A 77 9.32 2.43 0.39
CA GLY A 77 9.38 3.37 -0.72
C GLY A 77 10.77 3.87 -1.00
N TRP A 78 10.87 4.78 -1.96
CA TRP A 78 12.16 5.35 -2.35
C TRP A 78 12.53 6.59 -1.55
N ASN A 79 13.82 6.89 -1.48
CA ASN A 79 14.30 8.06 -0.76
C ASN A 79 13.89 9.32 -1.52
N ALA A 80 13.87 9.23 -2.85
CA ALA A 80 13.50 10.36 -3.69
C ALA A 80 12.79 9.90 -4.94
N CYS A 81 11.94 10.78 -5.48
CA CYS A 81 11.21 10.43 -6.68
C CYS A 81 10.82 11.66 -7.50
N SER A 82 9.84 11.52 -8.38
CA SER A 82 9.42 12.63 -9.25
C SER A 82 9.12 13.94 -8.52
N SER A 83 8.72 13.85 -7.26
CA SER A 83 8.41 15.03 -6.47
C SER A 83 9.61 15.98 -6.35
N ALA A 84 10.80 15.46 -6.63
CA ALA A 84 12.01 16.28 -6.55
C ALA A 84 12.05 17.38 -7.62
N LEU A 85 11.25 17.22 -8.66
CA LEU A 85 11.18 18.20 -9.73
C LEU A 85 10.25 19.35 -9.37
N CYS A 86 9.64 19.26 -8.19
CA CYS A 86 8.75 20.30 -7.70
C CYS A 86 9.57 21.56 -7.39
N PRO A 87 8.94 22.74 -7.44
CA PRO A 87 9.64 24.00 -7.14
C PRO A 87 10.49 23.95 -5.88
N ASN A 88 9.95 23.33 -4.83
CA ASN A 88 10.65 23.23 -3.56
C ASN A 88 11.47 21.94 -3.44
N GLY A 89 11.62 21.23 -4.55
CA GLY A 89 12.39 19.99 -4.53
C GLY A 89 13.83 20.22 -4.17
N LYS A 90 14.35 19.44 -3.22
CA LYS A 90 15.74 19.59 -2.80
C LYS A 90 16.75 19.19 -3.86
N PRO A 91 17.94 19.79 -3.81
CA PRO A 91 19.01 19.50 -4.76
C PRO A 91 19.86 18.26 -4.50
N ASN A 92 20.34 17.69 -5.59
CA ASN A 92 21.20 16.52 -5.57
C ASN A 92 20.69 15.25 -4.92
N ILE A 93 19.39 14.98 -5.02
CA ILE A 93 18.88 13.73 -4.47
C ILE A 93 18.51 12.89 -5.69
N GLU A 94 18.67 11.58 -5.59
CA GLU A 94 18.37 10.70 -6.72
C GLU A 94 17.58 9.49 -6.21
N ARG A 95 16.81 8.87 -7.11
CA ARG A 95 16.04 7.68 -6.73
C ARG A 95 17.08 6.59 -6.59
N ARG A 96 17.57 6.41 -5.37
CA ARG A 96 18.63 5.44 -5.14
C ARG A 96 18.41 4.44 -4.02
N PHE A 97 17.82 4.90 -2.92
CA PHE A 97 17.61 4.02 -1.78
C PHE A 97 16.19 3.59 -1.49
N LEU A 98 16.03 2.33 -1.13
CA LEU A 98 14.73 1.82 -0.73
C LEU A 98 14.71 2.09 0.77
N ILE A 99 13.63 2.71 1.24
CA ILE A 99 13.44 3.03 2.66
C ILE A 99 12.46 1.95 3.13
N VAL A 100 12.97 0.98 3.89
CA VAL A 100 12.19 -0.16 4.35
C VAL A 100 11.99 -0.23 5.86
N PRO A 101 10.77 0.09 6.33
CA PRO A 101 10.48 0.06 7.77
C PRO A 101 9.86 -1.25 8.26
N GLY A 102 9.98 -1.49 9.56
CA GLY A 102 9.38 -2.68 10.13
C GLY A 102 8.05 -2.27 10.74
N LEU A 103 6.95 -2.83 10.25
CA LEU A 103 5.64 -2.49 10.78
C LEU A 103 5.49 -2.94 12.24
N ARG A 104 6.28 -3.93 12.64
CA ARG A 104 6.27 -4.43 14.02
C ARG A 104 7.42 -3.84 14.84
N SER A 105 8.62 -3.85 14.26
CA SER A 105 9.82 -3.36 14.95
C SER A 105 10.07 -1.86 15.03
N SER A 106 9.57 -1.11 14.05
CA SER A 106 9.78 0.33 14.00
C SER A 106 11.20 0.63 13.50
N ARG A 107 11.91 -0.40 13.07
CA ARG A 107 13.26 -0.23 12.56
C ARG A 107 13.17 0.27 11.12
N ILE A 108 14.18 0.99 10.66
CA ILE A 108 14.19 1.48 9.27
C ILE A 108 15.50 1.08 8.59
N TYR A 109 15.39 0.40 7.46
CA TYR A 109 16.58 0.02 6.72
C TYR A 109 16.69 0.96 5.52
N ILE A 110 17.93 1.33 5.19
CA ILE A 110 18.20 2.18 4.03
C ILE A 110 18.97 1.24 3.12
N ILE A 111 18.34 0.86 2.01
CA ILE A 111 18.94 -0.09 1.08
C ILE A 111 19.31 0.55 -0.26
N ASP A 112 20.61 0.55 -0.54
CA ASP A 112 21.17 1.15 -1.75
C ASP A 112 21.00 0.24 -2.98
N THR A 113 20.41 0.78 -4.04
CA THR A 113 20.21 0.00 -5.26
C THR A 113 21.29 0.26 -6.32
N LYS A 114 22.30 1.05 -5.96
CA LYS A 114 23.39 1.36 -6.88
C LYS A 114 24.71 0.84 -6.31
N PRO A 115 25.66 0.49 -7.19
CA PRO A 115 25.60 0.56 -8.65
C PRO A 115 24.91 -0.61 -9.36
N ASN A 116 24.56 -1.66 -8.61
CA ASN A 116 23.91 -2.83 -9.19
C ASN A 116 22.49 -3.00 -8.65
N PRO A 117 21.48 -2.60 -9.44
CA PRO A 117 20.06 -2.70 -9.05
C PRO A 117 19.61 -4.13 -8.76
N ARG A 118 20.30 -5.09 -9.38
CA ARG A 118 19.96 -6.50 -9.17
C ARG A 118 20.48 -7.03 -7.84
N GLU A 119 21.36 -6.27 -7.20
CA GLU A 119 21.90 -6.70 -5.90
C GLU A 119 22.00 -5.52 -4.94
N PRO A 120 20.86 -5.07 -4.41
CA PRO A 120 20.83 -3.94 -3.47
C PRO A 120 21.53 -4.35 -2.17
N LYS A 121 22.07 -3.38 -1.43
CA LYS A 121 22.74 -3.67 -0.18
C LYS A 121 22.29 -2.72 0.93
N ILE A 122 22.12 -3.25 2.13
CA ILE A 122 21.72 -2.43 3.27
C ILE A 122 22.94 -1.59 3.62
N ILE A 123 22.80 -0.27 3.60
CA ILE A 123 23.93 0.58 3.93
C ILE A 123 23.76 1.38 5.22
N LYS A 124 22.57 1.33 5.80
CA LYS A 124 22.30 2.04 7.05
C LYS A 124 21.04 1.51 7.74
N VAL A 125 21.10 1.44 9.06
CA VAL A 125 19.96 0.98 9.84
C VAL A 125 19.65 2.00 10.92
N ILE A 126 18.37 2.38 11.02
CA ILE A 126 17.94 3.30 12.05
C ILE A 126 17.22 2.37 13.02
N GLU A 127 17.82 2.14 14.18
CA GLU A 127 17.24 1.24 15.17
C GLU A 127 15.91 1.75 15.74
N PRO A 128 15.04 0.83 16.15
CA PRO A 128 13.72 1.10 16.72
C PRO A 128 13.70 2.15 17.84
N GLU A 129 14.68 2.08 18.73
CA GLU A 129 14.70 3.03 19.84
C GLU A 129 15.07 4.45 19.43
N GLU A 130 15.80 4.60 18.33
CA GLU A 130 16.16 5.92 17.85
C GLU A 130 14.90 6.50 17.20
N VAL A 131 14.16 5.64 16.50
CA VAL A 131 12.94 6.11 15.85
C VAL A 131 11.94 6.55 16.89
N LYS A 132 11.74 5.74 17.93
CA LYS A 132 10.79 6.07 18.98
C LYS A 132 11.22 7.29 19.79
N LYS A 133 12.52 7.39 20.05
CA LYS A 133 13.05 8.51 20.83
C LYS A 133 12.84 9.86 20.16
N VAL A 134 13.16 9.93 18.86
CA VAL A 134 13.04 11.16 18.10
C VAL A 134 11.63 11.55 17.68
N SER A 135 10.84 10.58 17.19
CA SER A 135 9.50 10.87 16.72
C SER A 135 8.37 10.58 17.72
N GLY A 136 8.61 9.67 18.65
CA GLY A 136 7.58 9.31 19.61
C GLY A 136 6.53 8.38 19.01
N TYR A 137 6.84 7.82 17.84
CA TYR A 137 5.95 6.91 17.14
C TYR A 137 6.54 5.51 17.01
N SER A 138 5.67 4.51 16.83
CA SER A 138 6.11 3.12 16.64
C SER A 138 5.19 2.44 15.63
N ARG A 139 5.68 1.33 15.07
CA ARG A 139 4.95 0.53 14.08
C ARG A 139 4.78 1.35 12.80
N LEU A 140 5.86 1.41 12.03
CA LEU A 140 5.93 2.19 10.79
C LEU A 140 5.30 1.51 9.60
N HIS A 141 4.46 2.26 8.89
CA HIS A 141 3.71 1.74 7.75
C HIS A 141 4.09 2.31 6.37
N THR A 142 3.43 3.38 5.97
CA THR A 142 3.65 3.99 4.65
C THR A 142 4.88 4.90 4.52
N VAL A 143 5.58 4.78 3.39
CA VAL A 143 6.74 5.61 3.11
C VAL A 143 6.48 6.37 1.81
N HIS A 144 6.66 7.69 1.84
CA HIS A 144 6.49 8.51 0.64
C HIS A 144 7.67 9.48 0.50
N CYS A 145 8.16 9.62 -0.74
CA CYS A 145 9.27 10.52 -1.04
C CYS A 145 8.72 11.92 -1.34
N GLY A 146 9.03 12.89 -0.49
CA GLY A 146 8.55 14.24 -0.70
C GLY A 146 9.66 15.11 -1.26
N PRO A 147 9.34 16.35 -1.67
CA PRO A 147 10.35 17.26 -2.22
C PRO A 147 11.36 17.66 -1.14
N ASP A 148 10.83 17.89 0.05
CA ASP A 148 11.59 18.35 1.20
C ASP A 148 12.14 17.30 2.15
N ALA A 149 11.50 16.13 2.22
CA ALA A 149 11.97 15.08 3.12
C ALA A 149 11.29 13.74 2.82
N ILE A 150 11.60 12.73 3.62
CA ILE A 150 11.01 11.42 3.46
C ILE A 150 9.97 11.31 4.58
N TYR A 151 8.75 10.97 4.22
CA TYR A 151 7.66 10.87 5.19
C TYR A 151 7.25 9.42 5.42
N ILE A 152 7.03 9.07 6.69
CA ILE A 152 6.65 7.71 7.05
C ILE A 152 5.54 7.73 8.09
N SER A 153 4.44 7.01 7.84
CA SER A 153 3.35 6.98 8.78
C SER A 153 3.61 5.91 9.85
N ALA A 154 2.98 6.08 11.01
CA ALA A 154 3.13 5.13 12.11
C ALA A 154 1.78 4.91 12.79
N LEU A 155 1.50 3.65 13.15
CA LEU A 155 0.24 3.29 13.77
C LEU A 155 -0.03 3.82 15.19
N GLY A 156 1.02 4.03 15.97
CA GLY A 156 0.78 4.53 17.32
C GLY A 156 1.96 5.21 17.98
N ASN A 157 1.82 5.52 19.28
CA ASN A 157 2.91 6.15 20.01
C ASN A 157 3.88 5.06 20.49
N GLU A 158 4.93 5.44 21.22
CA GLU A 158 5.90 4.46 21.67
C GLU A 158 5.32 3.35 22.54
N GLU A 159 4.16 3.58 23.15
CA GLU A 159 3.54 2.57 24.01
C GLU A 159 2.57 1.63 23.29
N GLY A 160 2.35 1.86 22.00
CA GLY A 160 1.43 1.00 21.28
C GLY A 160 0.02 1.56 21.26
N GLU A 161 -0.18 2.72 21.88
CA GLU A 161 -1.49 3.37 21.87
C GLU A 161 -1.39 4.49 20.84
N GLY A 162 -2.13 5.58 21.05
CA GLY A 162 -2.08 6.70 20.11
C GLY A 162 -1.77 8.02 20.78
N PRO A 163 -1.73 9.14 20.04
CA PRO A 163 -1.96 9.23 18.60
C PRO A 163 -0.84 8.63 17.76
N GLY A 164 -1.21 8.14 16.58
CA GLY A 164 -0.23 7.63 15.66
C GLY A 164 -0.03 8.83 14.77
N GLY A 165 0.74 8.70 13.70
CA GLY A 165 0.92 9.85 12.84
C GLY A 165 2.00 9.70 11.79
N ILE A 166 2.61 10.82 11.42
CA ILE A 166 3.64 10.82 10.39
C ILE A 166 4.94 11.45 10.88
N LEU A 167 6.05 10.77 10.64
CA LEU A 167 7.35 11.28 11.01
C LEU A 167 8.10 11.56 9.72
N MET A 168 9.20 12.31 9.84
CA MET A 168 10.01 12.65 8.68
C MET A 168 11.45 12.22 8.87
N LEU A 169 12.11 11.92 7.75
CA LEU A 169 13.52 11.53 7.76
C LEU A 169 14.23 12.51 6.87
N ASP A 170 15.44 12.88 7.25
CA ASP A 170 16.25 13.82 6.49
C ASP A 170 16.66 13.21 5.16
N HIS A 171 16.53 13.98 4.07
CA HIS A 171 16.89 13.50 2.72
C HIS A 171 18.35 13.11 2.55
N TYR A 172 19.23 13.68 3.38
CA TYR A 172 20.66 13.40 3.25
C TYR A 172 21.25 12.40 4.23
N SER A 173 20.90 12.53 5.50
CA SER A 173 21.43 11.62 6.51
C SER A 173 20.51 10.42 6.73
N PHE A 174 19.25 10.59 6.33
CA PHE A 174 18.25 9.55 6.50
C PHE A 174 17.93 9.38 7.98
N GLU A 175 18.37 10.33 8.80
CA GLU A 175 18.13 10.28 10.23
C GLU A 175 16.75 10.84 10.53
N PRO A 176 16.07 10.32 11.57
CA PRO A 176 14.73 10.80 11.92
C PRO A 176 14.79 12.26 12.35
N LEU A 177 13.84 13.05 11.87
CA LEU A 177 13.79 14.45 12.27
C LEU A 177 12.81 14.55 13.43
N GLY A 178 11.63 13.96 13.26
CA GLY A 178 10.63 14.00 14.31
C GLY A 178 9.22 13.96 13.74
N LYS A 179 8.24 14.29 14.57
CA LYS A 179 6.84 14.34 14.16
C LYS A 179 6.59 15.40 13.11
N TRP A 180 5.72 15.09 12.16
CA TRP A 180 5.38 16.06 11.12
C TRP A 180 4.29 17.00 11.62
N GLU A 181 3.38 16.49 12.44
CA GLU A 181 2.25 17.26 12.94
C GLU A 181 2.62 18.39 13.90
N ILE A 182 2.06 19.56 13.64
CA ILE A 182 2.25 20.73 14.50
C ILE A 182 0.94 20.91 15.27
N ASP A 183 -0.17 20.70 14.57
CA ASP A 183 -1.51 20.82 15.15
C ASP A 183 -2.39 19.73 14.56
N ARG A 184 -2.57 18.64 15.30
CA ARG A 184 -3.34 17.50 14.80
C ARG A 184 -4.85 17.54 15.07
N GLY A 185 -5.33 18.60 15.70
CA GLY A 185 -6.75 18.66 16.00
C GLY A 185 -7.12 17.41 16.77
N ASP A 186 -8.21 16.73 16.40
CA ASP A 186 -8.59 15.53 17.11
C ASP A 186 -8.22 14.24 16.39
N GLN A 187 -7.27 14.32 15.47
CA GLN A 187 -6.81 13.13 14.77
C GLN A 187 -6.06 12.29 15.81
N TYR A 188 -6.33 11.00 15.85
CA TYR A 188 -5.69 10.11 16.81
C TYR A 188 -5.19 8.84 16.12
N LEU A 189 -6.06 8.22 15.33
CA LEU A 189 -5.71 7.02 14.58
C LEU A 189 -4.95 7.38 13.30
N ALA A 190 -4.30 6.39 12.71
CA ALA A 190 -3.54 6.62 11.48
C ALA A 190 -3.42 5.30 10.72
N TYR A 191 -2.85 5.39 9.50
CA TYR A 191 -2.60 4.19 8.69
C TYR A 191 -1.80 4.58 7.44
N ASP A 192 -2.47 5.29 6.55
CA ASP A 192 -1.83 5.68 5.28
C ASP A 192 -1.93 7.19 5.13
N PHE A 193 -1.27 7.72 4.10
CA PHE A 193 -1.31 9.14 3.83
C PHE A 193 -0.72 9.39 2.47
N TRP A 194 -1.07 10.53 1.89
CA TRP A 194 -0.50 10.96 0.64
C TRP A 194 -0.79 12.45 0.48
N TRP A 195 -0.61 12.99 -0.72
CA TRP A 195 -0.81 14.41 -0.88
C TRP A 195 -1.02 14.86 -2.30
N ASN A 196 -1.32 16.15 -2.44
CA ASN A 196 -1.45 16.82 -3.71
C ASN A 196 -0.47 17.94 -3.41
N LEU A 197 0.75 17.82 -3.93
CA LEU A 197 1.79 18.79 -3.64
C LEU A 197 1.57 20.24 -4.04
N PRO A 198 1.16 20.51 -5.28
CA PRO A 198 0.96 21.92 -5.65
C PRO A 198 -0.15 22.62 -4.85
N ASN A 199 -1.16 21.87 -4.46
CA ASN A 199 -2.26 22.42 -3.69
C ASN A 199 -1.98 22.39 -2.19
N GLU A 200 -0.82 21.86 -1.86
CA GLU A 200 -0.36 21.77 -0.48
C GLU A 200 -1.31 21.15 0.53
N VAL A 201 -1.91 20.02 0.20
CA VAL A 201 -2.77 19.38 1.17
C VAL A 201 -2.34 17.93 1.30
N LEU A 202 -2.37 17.45 2.53
CA LEU A 202 -2.00 16.09 2.84
C LEU A 202 -3.25 15.43 3.40
N VAL A 203 -3.46 14.17 3.06
CA VAL A 203 -4.62 13.44 3.54
C VAL A 203 -4.07 12.23 4.29
N SER A 204 -4.73 11.85 5.39
CA SER A 204 -4.30 10.72 6.19
C SER A 204 -5.54 9.90 6.55
N SER A 205 -5.34 8.59 6.77
CA SER A 205 -6.45 7.69 7.09
C SER A 205 -6.43 7.09 8.50
N GLU A 206 -7.21 6.05 8.72
CA GLU A 206 -7.29 5.44 10.05
C GLU A 206 -7.57 3.93 10.06
N TRP A 207 -6.72 3.19 10.76
CA TRP A 207 -6.92 1.75 10.91
C TRP A 207 -7.23 1.55 12.40
N ALA A 208 -6.20 1.33 13.20
CA ALA A 208 -6.33 1.14 14.63
C ALA A 208 -4.93 1.21 15.21
N VAL A 209 -4.79 1.36 16.53
CA VAL A 209 -3.46 1.43 17.14
C VAL A 209 -2.84 0.05 17.23
N PRO A 210 -1.51 -0.02 17.41
CA PRO A 210 -0.78 -1.29 17.52
C PRO A 210 -1.39 -2.26 18.52
N ASN A 211 -1.66 -1.78 19.72
CA ASN A 211 -2.23 -2.65 20.75
C ASN A 211 -3.58 -3.24 20.37
N THR A 212 -4.20 -2.73 19.31
CA THR A 212 -5.48 -3.25 18.86
C THR A 212 -5.32 -4.31 17.76
N ILE A 213 -4.42 -4.03 16.81
CA ILE A 213 -4.22 -4.92 15.67
C ILE A 213 -3.16 -6.02 15.73
N GLU A 214 -2.07 -5.80 16.45
CA GLU A 214 -1.00 -6.81 16.47
C GLU A 214 -1.37 -8.26 16.81
N ASP A 215 -2.28 -8.48 17.75
CA ASP A 215 -2.66 -9.85 18.11
C ASP A 215 -3.82 -10.40 17.27
N GLY A 216 -4.18 -9.68 16.21
CA GLY A 216 -5.27 -10.12 15.36
C GLY A 216 -6.52 -9.28 15.42
N LEU A 217 -7.48 -9.59 14.56
CA LEU A 217 -8.74 -8.86 14.51
C LEU A 217 -9.71 -9.46 15.53
N LYS A 218 -10.22 -8.61 16.40
CA LYS A 218 -11.18 -9.03 17.40
C LYS A 218 -12.46 -8.28 17.06
N LEU A 219 -13.41 -9.00 16.49
CA LEU A 219 -14.69 -8.42 16.09
C LEU A 219 -15.33 -7.49 17.11
N GLU A 220 -15.08 -7.73 18.40
CA GLU A 220 -15.66 -6.88 19.42
C GLU A 220 -14.97 -5.51 19.46
N HIS A 221 -13.80 -5.43 18.85
CA HIS A 221 -13.02 -4.18 18.81
C HIS A 221 -13.48 -3.24 17.71
N LEU A 222 -14.07 -3.80 16.66
CA LEU A 222 -14.52 -3.02 15.51
C LEU A 222 -15.25 -1.70 15.77
N LYS A 223 -16.32 -1.74 16.56
CA LYS A 223 -17.08 -0.52 16.82
C LYS A 223 -16.33 0.62 17.49
N ASP A 224 -15.59 0.35 18.56
CA ASP A 224 -14.89 1.42 19.26
C ASP A 224 -13.40 1.57 19.03
N ARG A 225 -12.74 0.59 18.42
CA ARG A 225 -11.30 0.71 18.23
C ARG A 225 -10.77 0.90 16.82
N TYR A 226 -11.64 0.84 15.81
CA TYR A 226 -11.19 1.03 14.43
C TYR A 226 -11.77 2.34 13.90
N GLY A 227 -11.04 3.00 13.01
CA GLY A 227 -11.51 4.28 12.50
C GLY A 227 -12.23 4.27 11.17
N ASN A 228 -12.80 5.41 10.81
CA ASN A 228 -13.52 5.55 9.56
C ASN A 228 -13.49 6.98 9.04
N ARG A 229 -12.45 7.72 9.39
CA ARG A 229 -12.31 9.11 8.96
C ARG A 229 -11.10 9.36 8.07
N ILE A 230 -11.23 10.36 7.21
CA ILE A 230 -10.13 10.80 6.36
C ILE A 230 -9.85 12.21 6.86
N HIS A 231 -8.57 12.53 7.05
CA HIS A 231 -8.20 13.85 7.56
C HIS A 231 -7.53 14.67 6.48
N PHE A 232 -7.92 15.94 6.38
CA PHE A 232 -7.34 16.84 5.40
C PHE A 232 -6.45 17.83 6.12
N TRP A 233 -5.20 17.95 5.67
CA TRP A 233 -4.25 18.84 6.31
C TRP A 233 -3.64 19.87 5.37
N ASP A 234 -3.16 20.95 5.97
CA ASP A 234 -2.44 22.02 5.27
C ASP A 234 -1.02 21.45 5.31
N LEU A 235 -0.52 20.99 4.16
CA LEU A 235 0.81 20.39 4.09
C LEU A 235 1.90 21.31 4.60
N ARG A 236 1.78 22.59 4.27
CA ARG A 236 2.78 23.57 4.68
C ARG A 236 2.76 23.93 6.16
N LYS A 237 1.59 24.25 6.69
CA LYS A 237 1.48 24.62 8.10
C LYS A 237 1.45 23.39 9.01
N ARG A 238 1.40 22.19 8.42
CA ARG A 238 1.40 20.96 9.20
C ARG A 238 0.26 20.95 10.20
N LYS A 239 -0.92 21.36 9.74
CA LYS A 239 -2.10 21.47 10.58
C LYS A 239 -3.30 20.74 9.98
N ARG A 240 -4.05 20.04 10.83
CA ARG A 240 -5.23 19.31 10.38
C ARG A 240 -6.35 20.34 10.20
N ILE A 241 -6.89 20.48 8.99
CA ILE A 241 -7.92 21.48 8.77
C ILE A 241 -9.34 20.97 8.71
N HIS A 242 -9.53 19.71 8.37
CA HIS A 242 -10.87 19.13 8.29
C HIS A 242 -10.80 17.62 8.27
N SER A 243 -11.94 16.97 8.52
CA SER A 243 -12.02 15.52 8.50
C SER A 243 -13.43 15.15 8.09
N LEU A 244 -13.57 13.99 7.44
CA LEU A 244 -14.87 13.52 7.00
C LEU A 244 -15.00 12.06 7.42
N THR A 245 -16.21 11.67 7.80
CA THR A 245 -16.46 10.29 8.19
C THR A 245 -17.00 9.55 6.97
N LEU A 246 -16.41 8.42 6.65
CA LEU A 246 -16.81 7.64 5.48
C LEU A 246 -17.83 6.55 5.82
N GLY A 247 -19.01 6.99 6.29
CA GLY A 247 -20.06 6.06 6.64
C GLY A 247 -19.98 5.71 8.12
N GLU A 248 -20.98 6.14 8.89
CA GLU A 248 -21.00 5.85 10.33
C GLU A 248 -20.77 4.39 10.64
N GLU A 249 -21.27 3.51 9.77
CA GLU A 249 -21.16 2.07 10.00
C GLU A 249 -19.93 1.38 9.42
N ASN A 250 -19.09 2.11 8.69
CA ASN A 250 -17.91 1.49 8.10
C ASN A 250 -16.68 1.55 9.00
N ARG A 251 -15.77 0.60 8.84
CA ARG A 251 -14.55 0.56 9.62
C ARG A 251 -13.32 0.22 8.78
N MET A 252 -12.19 0.79 9.18
CA MET A 252 -10.92 0.63 8.52
C MET A 252 -10.85 1.47 7.24
N ALA A 253 -10.38 2.70 7.40
CA ALA A 253 -10.21 3.64 6.29
C ALA A 253 -8.72 3.44 5.95
N LEU A 254 -8.40 2.63 4.95
CA LEU A 254 -7.03 2.32 4.64
C LEU A 254 -6.37 3.26 3.59
N GLU A 255 -6.08 2.63 2.42
CA GLU A 255 -5.32 3.22 1.32
C GLU A 255 -5.83 4.44 0.63
N LEU A 256 -4.98 5.47 0.60
CA LEU A 256 -5.33 6.77 0.04
C LEU A 256 -4.71 6.97 -1.31
N ARG A 257 -5.53 7.25 -2.33
CA ARG A 257 -4.98 7.40 -3.66
C ARG A 257 -5.48 8.64 -4.40
N PRO A 258 -4.71 9.74 -4.31
CA PRO A 258 -5.09 10.98 -5.00
C PRO A 258 -4.96 10.69 -6.49
N LEU A 259 -5.69 11.40 -7.35
CA LEU A 259 -5.51 11.17 -8.77
C LEU A 259 -4.09 11.67 -9.05
N HIS A 260 -3.44 11.12 -10.06
CA HIS A 260 -2.07 11.51 -10.37
C HIS A 260 -1.92 12.93 -10.92
N ASP A 261 -2.92 13.38 -11.67
CA ASP A 261 -2.93 14.72 -12.26
C ASP A 261 -3.11 15.70 -11.10
N PRO A 262 -2.08 16.50 -10.78
CA PRO A 262 -2.18 17.44 -9.66
C PRO A 262 -3.21 18.56 -9.80
N THR A 263 -3.77 18.74 -10.99
CA THR A 263 -4.78 19.78 -11.17
C THR A 263 -6.12 19.27 -10.67
N LYS A 264 -6.16 17.98 -10.35
CA LYS A 264 -7.38 17.36 -9.85
C LYS A 264 -7.33 17.23 -8.33
N LEU A 265 -8.28 17.85 -7.65
CA LEU A 265 -8.26 17.76 -6.21
C LEU A 265 -9.20 16.71 -5.68
N MET A 266 -8.86 15.48 -5.99
CA MET A 266 -9.65 14.34 -5.58
C MET A 266 -8.81 13.08 -5.58
N GLY A 267 -9.41 12.02 -5.05
CA GLY A 267 -8.76 10.73 -4.98
C GLY A 267 -9.72 9.74 -4.33
N PHE A 268 -9.26 8.51 -4.17
CA PHE A 268 -10.08 7.45 -3.57
C PHE A 268 -9.51 6.88 -2.28
N ILE A 269 -10.35 6.11 -1.59
CA ILE A 269 -9.97 5.42 -0.37
C ILE A 269 -10.94 4.26 -0.17
N ASN A 270 -10.42 3.16 0.34
CA ASN A 270 -11.25 1.99 0.60
C ASN A 270 -11.61 1.85 2.07
N MET A 271 -12.87 1.49 2.31
CA MET A 271 -13.38 1.24 3.65
C MET A 271 -13.52 -0.27 3.58
N VAL A 272 -12.73 -0.98 4.39
CA VAL A 272 -12.73 -2.43 4.37
C VAL A 272 -14.02 -3.19 4.73
N VAL A 273 -14.67 -2.82 5.82
CA VAL A 273 -15.85 -3.55 6.22
C VAL A 273 -16.95 -2.72 6.88
N SER A 274 -18.19 -3.03 6.52
CA SER A 274 -19.36 -2.35 7.08
C SER A 274 -19.87 -3.17 8.25
N LEU A 275 -20.17 -2.50 9.36
CA LEU A 275 -20.68 -3.19 10.53
C LEU A 275 -22.14 -3.61 10.32
N LYS A 276 -22.76 -3.13 9.24
CA LYS A 276 -24.15 -3.47 8.96
C LYS A 276 -24.30 -4.75 8.14
N ASP A 277 -23.49 -4.89 7.09
CA ASP A 277 -23.58 -6.07 6.24
C ASP A 277 -22.27 -6.63 5.73
N LEU A 278 -21.16 -6.24 6.35
CA LEU A 278 -19.84 -6.74 5.96
C LEU A 278 -19.37 -6.35 4.56
N SER A 279 -20.04 -5.39 3.93
CA SER A 279 -19.62 -4.97 2.59
C SER A 279 -18.40 -4.06 2.65
N SER A 280 -17.77 -3.88 1.50
CA SER A 280 -16.61 -3.00 1.37
C SER A 280 -17.11 -1.86 0.50
N SER A 281 -16.50 -0.69 0.63
CA SER A 281 -16.92 0.44 -0.19
C SER A 281 -15.74 1.32 -0.53
N ILE A 282 -15.81 1.93 -1.71
CA ILE A 282 -14.77 2.83 -2.17
C ILE A 282 -15.37 4.22 -2.13
N TRP A 283 -14.63 5.17 -1.57
CA TRP A 283 -15.11 6.53 -1.45
C TRP A 283 -14.25 7.51 -2.22
N LEU A 284 -14.91 8.48 -2.85
CA LEU A 284 -14.23 9.51 -3.61
C LEU A 284 -14.23 10.79 -2.78
N TRP A 285 -13.03 11.27 -2.42
CA TRP A 285 -12.94 12.51 -1.68
C TRP A 285 -12.56 13.55 -2.71
N PHE A 286 -13.15 14.74 -2.63
CA PHE A 286 -12.90 15.80 -3.60
C PHE A 286 -13.18 17.19 -3.04
N TYR A 287 -12.50 18.19 -3.58
CA TYR A 287 -12.70 19.58 -3.14
C TYR A 287 -13.62 20.30 -4.12
N GLU A 288 -14.66 20.91 -3.61
CA GLU A 288 -15.64 21.59 -4.45
C GLU A 288 -16.44 22.59 -3.63
N ASP A 289 -16.84 23.69 -4.25
CA ASP A 289 -17.62 24.71 -3.55
C ASP A 289 -16.93 25.12 -2.25
N GLY A 290 -15.62 25.30 -2.33
CA GLY A 290 -14.83 25.71 -1.17
C GLY A 290 -14.86 24.75 0.01
N LYS A 291 -15.12 23.47 -0.26
CA LYS A 291 -15.22 22.49 0.80
C LYS A 291 -14.69 21.11 0.38
N TRP A 292 -14.20 20.34 1.34
CA TRP A 292 -13.74 18.98 1.04
C TRP A 292 -15.00 18.11 1.15
N ASN A 293 -15.16 17.17 0.22
CA ASN A 293 -16.32 16.31 0.23
C ASN A 293 -15.89 14.85 0.07
N ALA A 294 -16.81 13.94 0.34
CA ALA A 294 -16.53 12.51 0.22
C ALA A 294 -17.84 11.78 -0.04
N GLU A 295 -17.85 10.97 -1.11
CA GLU A 295 -19.04 10.22 -1.49
C GLU A 295 -18.71 8.77 -1.81
N LYS A 296 -19.62 7.86 -1.46
CA LYS A 296 -19.41 6.45 -1.74
C LYS A 296 -19.70 6.24 -3.22
N VAL A 297 -18.74 5.67 -3.94
CA VAL A 297 -18.92 5.46 -5.37
C VAL A 297 -18.94 3.99 -5.79
N ILE A 298 -18.47 3.12 -4.90
CA ILE A 298 -18.46 1.68 -5.17
C ILE A 298 -18.78 0.93 -3.88
N GLU A 299 -19.64 -0.07 -3.98
CA GLU A 299 -19.98 -0.88 -2.82
C GLU A 299 -20.04 -2.31 -3.28
N ILE A 300 -19.31 -3.18 -2.58
CA ILE A 300 -19.26 -4.58 -2.92
C ILE A 300 -19.82 -5.38 -1.75
N PRO A 301 -20.89 -6.17 -1.99
CA PRO A 301 -21.51 -6.97 -0.94
C PRO A 301 -20.76 -8.28 -0.63
N ALA A 302 -21.02 -8.82 0.55
CA ALA A 302 -20.41 -10.07 0.97
C ALA A 302 -21.09 -11.20 0.18
N GLU A 303 -20.40 -12.33 0.04
CA GLU A 303 -20.95 -13.47 -0.68
C GLU A 303 -21.35 -14.59 0.27
N PRO A 304 -22.65 -14.91 0.34
CA PRO A 304 -23.08 -15.99 1.24
C PRO A 304 -22.38 -17.32 0.90
N LEU A 305 -22.00 -18.05 1.94
CA LEU A 305 -21.31 -19.34 1.79
C LEU A 305 -21.50 -20.05 3.13
N GLU A 306 -21.94 -21.31 3.12
CA GLU A 306 -22.14 -22.01 4.38
C GLU A 306 -20.97 -22.80 4.96
N GLY A 307 -20.22 -23.50 4.10
CA GLY A 307 -19.09 -24.28 4.61
C GLY A 307 -17.72 -23.78 4.22
N ASN A 308 -16.69 -24.48 4.67
CA ASN A 308 -15.29 -24.13 4.39
C ASN A 308 -14.91 -22.71 4.79
N LEU A 309 -15.54 -22.22 5.85
CA LEU A 309 -15.29 -20.88 6.38
C LEU A 309 -14.35 -20.90 7.57
N PRO A 310 -13.46 -19.89 7.69
CA PRO A 310 -12.54 -19.86 8.83
C PRO A 310 -13.35 -19.49 10.08
N GLU A 311 -12.86 -19.88 11.24
CA GLU A 311 -13.57 -19.63 12.51
C GLU A 311 -14.15 -18.22 12.67
N ILE A 312 -13.37 -17.19 12.36
CA ILE A 312 -13.83 -15.82 12.51
C ILE A 312 -15.05 -15.48 11.65
N LEU A 313 -15.25 -16.22 10.56
CA LEU A 313 -16.38 -15.96 9.67
C LEU A 313 -17.56 -16.93 9.80
N LYS A 314 -17.37 -18.04 10.50
CA LYS A 314 -18.46 -19.02 10.63
C LYS A 314 -19.84 -18.45 11.02
N PRO A 315 -19.90 -17.55 12.03
CA PRO A 315 -21.17 -16.97 12.47
C PRO A 315 -21.99 -16.24 11.40
N PHE A 316 -21.30 -15.61 10.45
CA PHE A 316 -21.97 -14.86 9.40
C PHE A 316 -22.36 -15.65 8.15
N LYS A 317 -21.82 -16.86 8.00
CA LYS A 317 -22.11 -17.69 6.83
C LYS A 317 -21.99 -16.90 5.53
N ALA A 318 -21.00 -16.00 5.50
CA ALA A 318 -20.75 -15.18 4.32
C ALA A 318 -19.25 -14.86 4.25
N VAL A 319 -18.81 -14.43 3.07
CA VAL A 319 -17.41 -14.06 2.87
C VAL A 319 -17.40 -12.59 2.52
N PRO A 320 -16.80 -11.76 3.38
CA PRO A 320 -16.76 -10.32 3.08
C PRO A 320 -15.77 -10.13 1.94
N PRO A 321 -15.98 -9.12 1.08
CA PRO A 321 -15.03 -8.94 -0.01
C PRO A 321 -13.67 -8.55 0.56
N LEU A 322 -13.67 -7.80 1.66
CA LEU A 322 -12.44 -7.33 2.31
C LEU A 322 -11.52 -6.66 1.31
N VAL A 323 -11.95 -5.52 0.79
CA VAL A 323 -11.15 -4.76 -0.15
C VAL A 323 -10.09 -4.07 0.69
N THR A 324 -8.85 -4.55 0.60
CA THR A 324 -7.75 -4.01 1.41
C THR A 324 -6.78 -3.06 0.69
N ASP A 325 -6.72 -3.12 -0.64
CA ASP A 325 -5.83 -2.23 -1.38
C ASP A 325 -6.48 -1.70 -2.66
N ILE A 326 -6.05 -0.51 -3.07
CA ILE A 326 -6.53 0.11 -4.30
C ILE A 326 -5.32 0.80 -4.96
N ASP A 327 -5.39 0.98 -6.26
CA ASP A 327 -4.31 1.63 -6.99
C ASP A 327 -4.87 2.18 -8.29
N ILE A 328 -4.42 3.36 -8.70
CA ILE A 328 -4.90 4.01 -9.91
C ILE A 328 -3.84 4.06 -10.99
N SER A 329 -4.22 3.77 -12.24
CA SER A 329 -3.25 3.83 -13.33
C SER A 329 -2.82 5.29 -13.53
N LEU A 330 -1.62 5.51 -14.06
CA LEU A 330 -1.11 6.87 -14.26
C LEU A 330 -1.99 7.83 -15.06
N ASP A 331 -2.77 7.31 -16.01
CA ASP A 331 -3.63 8.17 -16.83
C ASP A 331 -4.93 8.48 -16.08
N ASP A 332 -5.02 8.02 -14.84
CA ASP A 332 -6.20 8.25 -14.01
C ASP A 332 -7.47 7.66 -14.62
N LYS A 333 -7.30 6.70 -15.53
CA LYS A 333 -8.45 6.10 -16.18
C LYS A 333 -9.01 4.87 -15.45
N PHE A 334 -8.14 4.11 -14.79
CA PHE A 334 -8.58 2.91 -14.10
C PHE A 334 -8.27 2.83 -12.61
N LEU A 335 -9.20 2.24 -11.87
CA LEU A 335 -9.08 2.07 -10.42
C LEU A 335 -9.07 0.55 -10.23
N TYR A 336 -8.02 0.02 -9.61
CA TYR A 336 -7.94 -1.42 -9.38
C TYR A 336 -8.15 -1.71 -7.90
N LEU A 337 -8.91 -2.75 -7.60
CA LEU A 337 -9.15 -3.13 -6.21
C LEU A 337 -8.82 -4.59 -6.04
N SER A 338 -8.43 -4.96 -4.83
CA SER A 338 -8.15 -6.35 -4.53
C SER A 338 -9.23 -6.73 -3.52
N LEU A 339 -9.72 -7.97 -3.61
CA LEU A 339 -10.73 -8.45 -2.67
C LEU A 339 -10.04 -9.61 -1.99
N TRP A 340 -9.46 -9.32 -0.83
CA TRP A 340 -8.72 -10.29 -0.05
C TRP A 340 -9.59 -11.37 0.59
N GLY A 341 -10.91 -11.11 0.67
CA GLY A 341 -11.80 -12.08 1.25
C GLY A 341 -12.35 -13.02 0.19
N ILE A 342 -13.09 -12.45 -0.75
CA ILE A 342 -13.67 -13.22 -1.83
C ILE A 342 -12.63 -13.83 -2.78
N GLY A 343 -11.59 -13.08 -3.11
CA GLY A 343 -10.55 -13.59 -3.99
C GLY A 343 -10.56 -13.01 -5.40
N GLU A 344 -10.47 -11.68 -5.52
CA GLU A 344 -10.48 -11.06 -6.84
C GLU A 344 -9.66 -9.79 -6.92
N VAL A 345 -9.39 -9.39 -8.17
CA VAL A 345 -8.72 -8.14 -8.47
C VAL A 345 -9.69 -7.62 -9.53
N ARG A 346 -10.16 -6.39 -9.34
CA ARG A 346 -11.09 -5.78 -10.27
C ARG A 346 -10.48 -4.51 -10.87
N GLN A 347 -10.99 -4.14 -12.04
CA GLN A 347 -10.57 -2.94 -12.75
C GLN A 347 -11.81 -2.09 -12.98
N TYR A 348 -11.81 -0.87 -12.48
CA TYR A 348 -12.94 0.03 -12.67
C TYR A 348 -12.54 1.21 -13.53
N ASP A 349 -13.31 1.46 -14.57
CA ASP A 349 -13.05 2.61 -15.45
C ASP A 349 -13.53 3.81 -14.66
N ILE A 350 -12.64 4.75 -14.38
CA ILE A 350 -13.05 5.92 -13.62
C ILE A 350 -13.00 7.20 -14.46
N SER A 351 -13.27 7.06 -15.76
CA SER A 351 -13.28 8.22 -16.65
C SER A 351 -14.14 9.27 -15.96
N ASN A 352 -15.19 8.80 -15.30
CA ASN A 352 -16.05 9.65 -14.51
C ASN A 352 -15.86 9.07 -13.12
N PRO A 353 -15.02 9.71 -12.30
CA PRO A 353 -14.70 9.28 -10.93
C PRO A 353 -15.94 9.04 -10.06
N PHE A 354 -16.96 9.86 -10.27
CA PHE A 354 -18.20 9.76 -9.52
C PHE A 354 -19.03 8.53 -9.85
N LYS A 355 -18.82 7.97 -11.04
CA LYS A 355 -19.56 6.79 -11.46
C LYS A 355 -18.64 5.76 -12.12
N PRO A 356 -17.90 4.98 -11.29
CA PRO A 356 -16.97 3.96 -11.76
C PRO A 356 -17.67 2.81 -12.47
N VAL A 357 -17.06 2.30 -13.53
CA VAL A 357 -17.62 1.19 -14.29
C VAL A 357 -16.71 -0.03 -14.25
N LEU A 358 -17.24 -1.16 -13.81
CA LEU A 358 -16.48 -2.40 -13.74
C LEU A 358 -16.13 -2.85 -15.16
N THR A 359 -14.84 -2.93 -15.48
CA THR A 359 -14.43 -3.34 -16.82
C THR A 359 -13.51 -4.55 -16.83
N GLY A 360 -13.22 -5.10 -15.66
CA GLY A 360 -12.34 -6.25 -15.58
C GLY A 360 -12.36 -6.92 -14.22
N LYS A 361 -12.30 -8.25 -14.21
CA LYS A 361 -12.32 -9.03 -12.97
C LYS A 361 -11.67 -10.40 -13.13
N VAL A 362 -10.72 -10.71 -12.26
CA VAL A 362 -10.06 -12.01 -12.30
C VAL A 362 -10.19 -12.64 -10.92
N LYS A 363 -10.18 -13.97 -10.88
CA LYS A 363 -10.30 -14.70 -9.63
C LYS A 363 -8.98 -15.35 -9.25
N LEU A 364 -8.55 -15.12 -8.02
CA LEU A 364 -7.29 -15.68 -7.52
C LEU A 364 -7.48 -16.03 -6.05
N GLY A 365 -7.26 -17.30 -5.71
CA GLY A 365 -7.42 -17.75 -4.34
C GLY A 365 -8.75 -17.31 -3.74
N GLY A 366 -8.72 -16.80 -2.51
CA GLY A 366 -9.93 -16.33 -1.88
C GLY A 366 -10.71 -17.38 -1.10
N ILE A 367 -11.34 -16.96 -0.01
CA ILE A 367 -12.13 -17.88 0.80
C ILE A 367 -13.36 -18.29 -0.03
N PHE A 368 -13.83 -17.39 -0.87
CA PHE A 368 -15.00 -17.67 -1.71
C PHE A 368 -14.67 -18.46 -2.98
N HIS A 369 -13.77 -17.93 -3.80
CA HIS A 369 -13.42 -18.60 -5.07
C HIS A 369 -12.45 -19.78 -4.96
N ARG A 370 -11.50 -19.71 -4.02
CA ARG A 370 -10.50 -20.78 -3.89
C ARG A 370 -9.92 -21.07 -5.27
N ALA A 371 -9.80 -20.01 -6.07
CA ALA A 371 -9.29 -20.12 -7.44
C ALA A 371 -7.80 -20.34 -7.55
N ASP A 372 -7.42 -21.41 -8.26
CA ASP A 372 -6.01 -21.71 -8.48
C ASP A 372 -5.55 -20.91 -9.68
N HIS A 373 -4.23 -20.82 -9.85
CA HIS A 373 -3.66 -20.09 -10.97
C HIS A 373 -3.87 -20.88 -12.27
N PRO A 374 -4.15 -20.17 -13.38
CA PRO A 374 -4.36 -20.85 -14.67
C PRO A 374 -3.22 -21.78 -15.07
N ALA A 375 -2.01 -21.52 -14.58
CA ALA A 375 -0.86 -22.36 -14.89
C ALA A 375 -0.85 -23.63 -14.05
N GLY A 376 -1.70 -23.66 -13.01
CA GLY A 376 -1.78 -24.83 -12.15
C GLY A 376 -1.42 -24.60 -10.68
N HIS A 377 -0.67 -23.55 -10.40
CA HIS A 377 -0.26 -23.26 -9.02
C HIS A 377 -1.40 -23.10 -8.02
N LYS A 378 -1.25 -23.72 -6.86
CA LYS A 378 -2.24 -23.61 -5.80
C LYS A 378 -2.00 -22.25 -5.14
N LEU A 379 -3.04 -21.44 -5.06
CA LEU A 379 -2.91 -20.11 -4.48
C LEU A 379 -3.54 -19.97 -3.10
N THR A 380 -2.72 -19.81 -2.07
CA THR A 380 -3.24 -19.62 -0.72
C THR A 380 -3.56 -18.14 -0.57
N GLY A 381 -4.38 -17.79 0.40
CA GLY A 381 -4.73 -16.40 0.60
C GLY A 381 -5.55 -15.86 -0.56
N ALA A 382 -5.34 -14.58 -0.88
CA ALA A 382 -6.06 -13.94 -1.97
C ALA A 382 -5.34 -12.65 -2.36
N PRO A 383 -5.81 -11.95 -3.41
CA PRO A 383 -5.12 -10.71 -3.81
C PRO A 383 -5.16 -9.70 -2.66
N GLN A 384 -4.03 -9.07 -2.39
CA GLN A 384 -3.96 -8.05 -1.37
C GLN A 384 -3.33 -6.80 -1.97
N MET A 385 -2.02 -6.68 -1.88
CA MET A 385 -1.34 -5.53 -2.44
C MET A 385 -1.28 -5.62 -3.96
N LEU A 386 -1.40 -4.47 -4.61
CA LEU A 386 -1.36 -4.39 -6.06
C LEU A 386 -0.37 -3.30 -6.46
N GLU A 387 0.18 -3.40 -7.66
CA GLU A 387 1.05 -2.36 -8.16
C GLU A 387 0.95 -2.36 -9.67
N ILE A 388 0.90 -1.17 -10.26
CA ILE A 388 0.74 -1.04 -11.70
C ILE A 388 1.95 -0.41 -12.38
N SER A 389 2.31 -0.95 -13.55
CA SER A 389 3.43 -0.41 -14.31
C SER A 389 3.01 1.00 -14.72
N ARG A 390 3.99 1.84 -15.01
CA ARG A 390 3.69 3.21 -15.42
C ARG A 390 2.90 3.27 -16.71
N ASP A 391 3.14 2.34 -17.64
CA ASP A 391 2.38 2.35 -18.89
C ASP A 391 0.98 1.81 -18.68
N GLY A 392 0.72 1.33 -17.47
CA GLY A 392 -0.60 0.81 -17.13
C GLY A 392 -1.02 -0.54 -17.68
N ARG A 393 -0.11 -1.23 -18.37
CA ARG A 393 -0.44 -2.53 -18.96
C ARG A 393 -0.26 -3.76 -18.05
N ARG A 394 0.56 -3.63 -17.01
CA ARG A 394 0.82 -4.76 -16.11
C ARG A 394 0.47 -4.47 -14.65
N VAL A 395 -0.20 -5.41 -14.01
CA VAL A 395 -0.58 -5.27 -12.61
C VAL A 395 0.04 -6.43 -11.84
N TYR A 396 0.85 -6.12 -10.84
CA TYR A 396 1.50 -7.15 -10.04
C TYR A 396 0.66 -7.34 -8.78
N VAL A 397 0.51 -8.59 -8.35
CA VAL A 397 -0.31 -8.91 -7.19
C VAL A 397 0.35 -9.84 -6.18
N THR A 398 0.29 -9.47 -4.90
CA THR A 398 0.82 -10.32 -3.83
C THR A 398 -0.35 -10.67 -2.90
N ASN A 399 -0.14 -11.53 -1.91
CA ASN A 399 -1.29 -12.00 -1.11
C ASN A 399 -1.36 -11.90 0.41
N SER A 400 -0.36 -11.31 1.04
CA SER A 400 -0.37 -11.21 2.49
C SER A 400 -0.83 -9.83 2.98
N LEU A 401 -1.60 -9.81 4.08
CA LEU A 401 -2.10 -8.57 4.65
C LEU A 401 -1.33 -8.18 5.90
N TYR A 402 -1.31 -9.08 6.88
CA TYR A 402 -0.61 -8.87 8.13
C TYR A 402 -0.47 -10.22 8.85
N SER A 403 0.73 -10.52 9.32
CA SER A 403 1.04 -11.78 10.00
C SER A 403 -0.11 -12.47 10.72
N THR A 404 -0.62 -11.85 11.78
CA THR A 404 -1.70 -12.44 12.55
C THR A 404 -3.06 -12.42 11.89
N TRP A 405 -3.31 -11.46 11.01
CA TRP A 405 -4.59 -11.41 10.32
C TRP A 405 -4.64 -12.52 9.25
N ASP A 406 -3.50 -12.78 8.61
CA ASP A 406 -3.43 -13.83 7.60
C ASP A 406 -3.88 -15.13 8.27
N ASN A 407 -3.29 -15.38 9.43
CA ASN A 407 -3.56 -16.59 10.20
C ASN A 407 -5.01 -16.77 10.63
N GLN A 408 -5.78 -15.68 10.68
CA GLN A 408 -7.18 -15.78 11.07
C GLN A 408 -8.08 -16.09 9.89
N PHE A 409 -7.84 -15.40 8.77
CA PHE A 409 -8.65 -15.62 7.59
C PHE A 409 -8.19 -16.76 6.69
N TYR A 410 -6.92 -17.12 6.79
CA TYR A 410 -6.36 -18.22 6.01
C TYR A 410 -5.50 -19.01 7.01
N PRO A 411 -6.17 -19.65 7.98
CA PRO A 411 -5.53 -20.44 9.04
C PRO A 411 -4.70 -21.63 8.59
N GLU A 412 -4.94 -22.13 7.38
CA GLU A 412 -4.17 -23.26 6.88
C GLU A 412 -2.73 -22.89 6.59
N GLY A 413 -2.44 -21.60 6.56
CA GLY A 413 -1.07 -21.14 6.31
C GLY A 413 -0.86 -20.42 4.99
N LEU A 414 -0.86 -19.10 5.05
CA LEU A 414 -0.69 -18.28 3.85
C LEU A 414 0.77 -18.29 3.41
N LYS A 415 0.98 -18.70 2.16
CA LYS A 415 2.31 -18.74 1.58
C LYS A 415 2.33 -17.72 0.44
N GLY A 416 3.39 -16.92 0.39
CA GLY A 416 3.48 -15.87 -0.60
C GLY A 416 3.70 -16.21 -2.06
N TRP A 417 3.08 -15.41 -2.91
CA TRP A 417 3.20 -15.53 -4.35
C TRP A 417 3.09 -14.14 -4.95
N MET A 418 3.44 -14.04 -6.22
CA MET A 418 3.30 -12.79 -6.94
C MET A 418 2.78 -13.15 -8.31
N VAL A 419 1.63 -12.58 -8.64
CA VAL A 419 0.98 -12.83 -9.91
C VAL A 419 1.01 -11.60 -10.77
N LYS A 420 1.07 -11.80 -12.09
CA LYS A 420 1.06 -10.69 -13.02
C LYS A 420 -0.23 -10.73 -13.82
N LEU A 421 -0.86 -9.57 -13.97
CA LEU A 421 -2.09 -9.44 -14.72
C LEU A 421 -1.78 -8.54 -15.91
N ASN A 422 -2.44 -8.79 -17.03
CA ASN A 422 -2.24 -7.97 -18.21
C ASN A 422 -3.51 -7.12 -18.32
N ALA A 423 -3.36 -5.81 -18.17
CA ALA A 423 -4.49 -4.91 -18.23
C ALA A 423 -4.63 -4.25 -19.59
N ASN A 424 -5.86 -4.17 -20.07
CA ASN A 424 -6.15 -3.58 -21.37
C ASN A 424 -6.41 -2.08 -21.24
N PRO A 425 -5.60 -1.26 -21.93
CA PRO A 425 -5.75 0.21 -21.89
C PRO A 425 -7.17 0.70 -22.21
N SER A 426 -7.98 -0.15 -22.83
CA SER A 426 -9.34 0.26 -23.16
C SER A 426 -10.38 -0.64 -22.49
N GLY A 427 -9.99 -1.24 -21.37
CA GLY A 427 -10.91 -2.11 -20.65
C GLY A 427 -10.59 -3.58 -20.81
N GLY A 428 -10.30 -4.25 -19.71
CA GLY A 428 -9.98 -5.67 -19.76
C GLY A 428 -8.87 -6.06 -18.80
N LEU A 429 -9.04 -7.22 -18.16
CA LEU A 429 -8.06 -7.73 -17.19
C LEU A 429 -7.87 -9.25 -17.36
N GLU A 430 -6.64 -9.69 -17.59
CA GLU A 430 -6.34 -11.11 -17.76
C GLU A 430 -5.16 -11.52 -16.88
N ILE A 431 -5.14 -12.77 -16.44
CA ILE A 431 -4.05 -13.28 -15.64
C ILE A 431 -2.95 -13.74 -16.59
N ASP A 432 -1.73 -13.29 -16.38
CA ASP A 432 -0.65 -13.74 -17.23
C ASP A 432 -0.38 -15.18 -16.81
N LYS A 433 -0.46 -16.10 -17.76
CA LYS A 433 -0.24 -17.52 -17.47
C LYS A 433 1.22 -17.86 -17.19
N GLU A 434 2.12 -17.28 -17.98
CA GLU A 434 3.55 -17.56 -17.85
C GLU A 434 4.25 -17.05 -16.59
N PHE A 435 3.94 -15.82 -16.17
CA PHE A 435 4.58 -15.23 -15.00
C PHE A 435 4.08 -15.75 -13.65
N PHE A 436 5.02 -16.05 -12.76
CA PHE A 436 4.66 -16.51 -11.42
C PHE A 436 5.87 -16.64 -10.50
N VAL A 437 5.73 -16.11 -9.30
CA VAL A 437 6.78 -16.20 -8.30
C VAL A 437 6.13 -16.83 -7.08
N ASP A 438 6.74 -17.91 -6.60
CA ASP A 438 6.28 -18.61 -5.41
C ASP A 438 7.39 -18.33 -4.40
N PHE A 439 7.03 -17.67 -3.30
CA PHE A 439 8.01 -17.31 -2.28
C PHE A 439 8.24 -18.39 -1.23
N GLY A 440 7.78 -19.59 -1.50
CA GLY A 440 7.97 -20.69 -0.56
C GLY A 440 7.16 -20.55 0.71
N GLU A 441 7.84 -20.45 1.85
CA GLU A 441 7.14 -20.30 3.13
C GLU A 441 7.07 -18.84 3.54
N ALA A 442 7.74 -17.98 2.78
CA ALA A 442 7.73 -16.54 3.08
C ALA A 442 6.47 -15.93 2.47
N ARG A 443 6.01 -14.82 3.03
CA ARG A 443 4.81 -14.14 2.54
C ARG A 443 5.22 -12.85 1.83
N SER A 444 4.44 -12.42 0.84
CA SER A 444 4.79 -11.22 0.09
C SER A 444 3.82 -10.06 0.30
N HIS A 445 4.37 -8.84 0.31
CA HIS A 445 3.54 -7.66 0.50
C HIS A 445 3.74 -6.61 -0.60
N GLN A 446 4.13 -5.39 -0.24
CA GLN A 446 4.27 -4.35 -1.25
C GLN A 446 5.32 -4.57 -2.31
N VAL A 447 5.00 -4.11 -3.52
CA VAL A 447 5.89 -4.24 -4.66
C VAL A 447 6.29 -2.85 -5.18
N ARG A 448 7.57 -2.66 -5.44
CA ARG A 448 8.05 -1.39 -5.99
C ARG A 448 8.81 -1.72 -7.26
N LEU A 449 8.36 -1.16 -8.37
CA LEU A 449 9.00 -1.43 -9.66
C LEU A 449 10.18 -0.48 -9.90
N SER A 450 11.27 -1.02 -10.42
CA SER A 450 12.44 -0.20 -10.71
C SER A 450 12.00 0.92 -11.67
N GLY A 451 12.40 2.15 -11.38
CA GLY A 451 12.01 3.26 -12.23
C GLY A 451 10.71 3.92 -11.83
N GLY A 452 10.09 3.43 -10.76
CA GLY A 452 8.83 4.02 -10.30
C GLY A 452 7.60 3.29 -10.80
N ASP A 453 6.50 3.44 -10.06
CA ASP A 453 5.24 2.80 -10.43
C ASP A 453 4.07 3.73 -10.12
N ALA A 454 2.86 3.17 -10.13
CA ALA A 454 1.66 3.95 -9.89
C ALA A 454 1.38 4.41 -8.46
N SER A 455 2.15 3.94 -7.48
CA SER A 455 1.90 4.37 -6.09
C SER A 455 3.17 4.85 -5.39
N SER A 456 4.25 4.94 -6.14
CA SER A 456 5.52 5.36 -5.58
C SER A 456 5.85 6.84 -5.77
N ASP A 457 5.29 7.45 -6.81
CA ASP A 457 5.56 8.85 -7.15
C ASP A 457 4.35 9.76 -7.21
N SER A 458 4.57 11.03 -6.88
CA SER A 458 3.52 12.04 -7.00
C SER A 458 4.17 13.09 -7.90
N TYR A 459 3.37 13.84 -8.64
CA TYR A 459 3.92 14.81 -9.57
C TYR A 459 3.52 16.26 -9.32
N CYS A 460 4.34 17.19 -9.78
CA CYS A 460 4.03 18.61 -9.60
C CYS A 460 3.60 19.30 -10.88
N TYR A 461 3.52 18.57 -11.97
CA TYR A 461 3.11 19.17 -13.24
C TYR A 461 2.06 18.31 -13.93
N PRO A 462 1.06 18.97 -14.56
CA PRO A 462 -0.01 18.27 -15.26
C PRO A 462 0.39 17.63 -16.59
#